data_8DSN
#
_entry.id   8DSN
#
_cell.length_a   38.878
_cell.length_b   53.488
_cell.length_c   86.056
_cell.angle_alpha   84.710
_cell.angle_beta   89.820
_cell.angle_gamma   77.960
#
_symmetry.space_group_name_H-M   'P 1'
#
loop_
_entity.id
_entity.type
_entity.pdbx_description
1 polymer 'Peptidylglycine alpha-amidating monooxygenase'
2 non-polymer 'COPPER (II) ION'
3 non-polymer GLYCEROL
4 water water
#
_entity_poly.entity_id   1
_entity_poly.type   'polypeptide(L)'
_entity_poly.pdbx_seq_one_letter_code
;NECLGTIGPVTPLDASDFALDIRMPGVTPKESDTYFCMSMRLPVDEEAFVIDFKPRASMDTVHHMLLFGCNMPSSTGSYW
FCDEGTCTDKANILYAWARNAPPTRLPKGVGFRVGGETGSKYFVLQVHYGDISAFRDNHKDCSGVSVHLTRVPQPLIAGM
YLMMSVDTVIPPGEKVVNADISCQYKMYPMHVFAYRVHTHHLGKVVSGYRVRNGQWTLIGRQNPQLPAAFYPVEHPVDVT
FGDILAARCVFTGEGRTEATHIGGTSSDEMCNLYIMYYMEAKYALSFMTCTKNVAPDMFRTIPAEANIPI
;
_entity_poly.pdbx_strand_id   A,K
#
loop_
_chem_comp.id
_chem_comp.type
_chem_comp.name
_chem_comp.formula
CU non-polymer 'COPPER (II) ION' 'Cu 2'
GOL non-polymer GLYCEROL 'C3 H8 O3'
#
# COMPACT_ATOMS: atom_id res chain seq x y z
N ASN A 1 -19.44 -22.59 -13.81
CA ASN A 1 -19.43 -23.06 -12.39
C ASN A 1 -20.87 -23.44 -12.01
N GLU A 2 -21.07 -23.86 -10.76
CA GLU A 2 -22.42 -24.33 -10.34
C GLU A 2 -23.40 -23.17 -10.41
N CYS A 3 -24.68 -23.48 -10.58
CA CYS A 3 -25.64 -22.38 -10.74
C CYS A 3 -26.19 -22.05 -9.36
N LEU A 4 -25.93 -20.83 -8.89
CA LEU A 4 -26.34 -20.42 -7.53
C LEU A 4 -27.84 -20.27 -7.44
N GLY A 5 -28.29 -19.11 -6.97
CA GLY A 5 -29.73 -18.85 -6.88
C GLY A 5 -30.03 -17.80 -5.84
N ILE A 7 -29.19 -16.23 -3.21
CA ILE A 7 -28.04 -16.16 -2.27
C ILE A 7 -27.49 -14.74 -2.23
N GLY A 8 -26.97 -14.22 -3.34
CA GLY A 8 -26.51 -12.83 -3.36
C GLY A 8 -25.34 -12.59 -4.28
N PRO A 9 -25.43 -11.64 -5.22
CA PRO A 9 -24.29 -11.27 -6.05
C PRO A 9 -23.38 -10.36 -5.21
N VAL A 10 -23.95 -9.49 -4.39
CA VAL A 10 -23.19 -8.56 -3.49
C VAL A 10 -23.16 -9.14 -2.07
N THR A 11 -21.99 -9.60 -1.68
CA THR A 11 -21.78 -10.13 -0.31
C THR A 11 -20.89 -9.15 0.45
N PRO A 12 -21.43 -8.36 1.40
CA PRO A 12 -20.63 -7.43 2.22
C PRO A 12 -19.76 -8.19 3.23
N LEU A 13 -18.45 -8.01 3.15
CA LEU A 13 -17.51 -8.81 3.98
C LEU A 13 -17.10 -8.04 5.22
N ASP A 14 -17.48 -6.77 5.32
CA ASP A 14 -17.07 -5.91 6.46
C ASP A 14 -17.42 -4.47 6.11
N ALA A 15 -16.76 -3.52 6.77
CA ALA A 15 -17.08 -2.08 6.57
C ALA A 15 -16.43 -1.55 5.31
N SER A 16 -15.26 -2.07 4.98
CA SER A 16 -14.50 -1.56 3.81
C SER A 16 -14.60 -2.51 2.63
N ASP A 17 -14.81 -3.80 2.89
CA ASP A 17 -14.71 -4.78 1.79
C ASP A 17 -16.06 -5.35 1.40
N PHE A 18 -16.18 -5.75 0.14
CA PHE A 18 -17.41 -6.41 -0.37
C PHE A 18 -17.00 -7.30 -1.53
N ALA A 19 -17.67 -8.44 -1.68
CA ALA A 19 -17.37 -9.39 -2.77
C ALA A 19 -18.46 -9.30 -3.83
N LEU A 20 -18.06 -9.43 -5.09
CA LEU A 20 -19.04 -9.41 -6.21
C LEU A 20 -18.94 -10.71 -7.03
N ASP A 21 -19.97 -11.57 -6.97
CA ASP A 21 -20.06 -12.79 -7.81
C ASP A 21 -20.79 -12.40 -9.13
N ILE A 22 -20.02 -12.27 -10.21
CA ILE A 22 -20.44 -11.73 -11.52
C ILE A 22 -20.56 -12.92 -12.48
N ARG A 23 -21.78 -13.45 -12.60
CA ARG A 23 -22.00 -14.79 -13.19
C ARG A 23 -23.12 -14.71 -14.21
N MET A 24 -22.97 -15.40 -15.34
CA MET A 24 -24.04 -15.52 -16.36
C MET A 24 -25.30 -16.03 -15.65
N PRO A 25 -26.49 -15.49 -15.96
CA PRO A 25 -27.71 -15.87 -15.28
C PRO A 25 -28.37 -17.14 -15.87
N GLY A 26 -27.64 -18.26 -15.81
CA GLY A 26 -28.00 -19.56 -16.39
C GLY A 26 -28.25 -19.42 -17.87
N VAL A 27 -27.20 -19.58 -18.70
CA VAL A 27 -27.30 -19.38 -20.18
C VAL A 27 -26.96 -20.69 -20.87
N THR A 28 -27.55 -20.86 -22.05
CA THR A 28 -27.45 -22.05 -22.93
C THR A 28 -27.24 -21.55 -24.34
N PRO A 29 -25.98 -21.43 -24.80
CA PRO A 29 -25.68 -21.09 -26.18
C PRO A 29 -26.09 -22.20 -27.14
N LYS A 30 -26.60 -21.84 -28.32
CA LYS A 30 -27.14 -22.79 -29.34
C LYS A 30 -26.14 -23.02 -30.47
N GLU A 31 -25.22 -22.07 -30.74
CA GLU A 31 -24.16 -22.18 -31.78
C GLU A 31 -22.78 -22.27 -31.11
N SER A 32 -21.74 -22.57 -31.89
CA SER A 32 -20.31 -22.58 -31.44
C SER A 32 -19.77 -21.14 -31.45
N ASP A 33 -18.85 -20.82 -30.53
CA ASP A 33 -18.15 -19.51 -30.48
C ASP A 33 -19.19 -18.39 -30.30
N THR A 34 -20.07 -18.53 -29.32
CA THR A 34 -21.06 -17.51 -28.88
C THR A 34 -20.39 -16.53 -27.90
N TYR A 35 -20.75 -15.24 -27.98
CA TYR A 35 -20.25 -14.17 -27.08
C TYR A 35 -21.42 -13.65 -26.24
N PHE A 36 -21.46 -14.00 -24.94
CA PHE A 36 -22.50 -13.50 -24.00
C PHE A 36 -21.87 -12.47 -23.05
N CYS A 37 -22.61 -11.39 -22.75
CA CYS A 37 -22.19 -10.34 -21.80
C CYS A 37 -23.32 -10.11 -20.81
N MET A 38 -22.94 -9.71 -19.60
CA MET A 38 -23.89 -9.12 -18.61
C MET A 38 -23.12 -8.05 -17.87
N SER A 39 -23.82 -7.24 -17.08
CA SER A 39 -23.26 -6.10 -16.32
C SER A 39 -23.74 -6.16 -14.87
N MET A 40 -22.91 -5.71 -13.92
CA MET A 40 -23.30 -5.41 -12.52
C MET A 40 -22.96 -3.96 -12.26
N ARG A 41 -23.96 -3.14 -11.91
CA ARG A 41 -23.78 -1.80 -11.31
C ARG A 41 -22.91 -1.91 -10.04
N LEU A 42 -21.94 -1.03 -9.88
CA LEU A 42 -21.17 -0.93 -8.62
C LEU A 42 -22.12 -0.47 -7.52
N PRO A 43 -22.29 -1.23 -6.43
CA PRO A 43 -23.16 -0.79 -5.32
C PRO A 43 -22.58 0.24 -4.34
N VAL A 44 -21.53 0.96 -4.71
CA VAL A 44 -21.05 2.14 -3.95
C VAL A 44 -20.82 3.27 -4.95
N ASP A 45 -21.15 4.50 -4.56
CA ASP A 45 -21.06 5.73 -5.37
C ASP A 45 -19.74 6.44 -5.08
N GLU A 46 -18.84 5.80 -4.31
CA GLU A 46 -17.54 6.38 -3.90
C GLU A 46 -16.42 5.50 -4.43
N GLU A 47 -15.19 6.00 -4.43
CA GLU A 47 -14.00 5.25 -4.90
C GLU A 47 -13.97 3.87 -4.22
N ALA A 48 -13.76 2.82 -5.01
CA ALA A 48 -13.47 1.45 -4.54
C ALA A 48 -12.23 0.96 -5.28
N PHE A 49 -11.57 -0.07 -4.78
CA PHE A 49 -10.38 -0.69 -5.41
C PHE A 49 -10.68 -2.17 -5.60
N VAL A 50 -10.55 -2.68 -6.81
CA VAL A 50 -10.65 -4.14 -7.08
C VAL A 50 -9.28 -4.71 -6.73
N ILE A 51 -9.21 -5.62 -5.76
CA ILE A 51 -7.90 -6.16 -5.26
C ILE A 51 -7.76 -7.65 -5.58
N ASP A 52 -8.79 -8.34 -6.08
CA ASP A 52 -8.67 -9.78 -6.42
C ASP A 52 -9.71 -10.22 -7.45
N PHE A 53 -9.40 -11.31 -8.17
CA PHE A 53 -10.29 -11.99 -9.13
C PHE A 53 -10.24 -13.49 -8.83
N LYS A 54 -11.38 -14.17 -8.74
CA LYS A 54 -11.46 -15.65 -8.79
C LYS A 54 -12.32 -16.06 -9.98
N PRO A 55 -11.75 -16.73 -11.01
CA PRO A 55 -12.53 -17.18 -12.16
C PRO A 55 -13.38 -18.35 -11.68
N ARG A 56 -14.67 -18.32 -11.98
CA ARG A 56 -15.63 -19.44 -11.83
C ARG A 56 -16.03 -19.92 -13.24
N ALA A 57 -15.14 -20.65 -13.91
CA ALA A 57 -15.28 -21.08 -15.31
C ALA A 57 -15.43 -22.60 -15.41
N SER A 58 -16.34 -23.06 -16.25
CA SER A 58 -16.36 -24.45 -16.76
C SER A 58 -15.16 -24.66 -17.68
N MET A 59 -14.28 -25.61 -17.39
CA MET A 59 -13.11 -25.88 -18.29
C MET A 59 -13.63 -26.50 -19.58
N ASP A 60 -14.80 -27.13 -19.49
CA ASP A 60 -15.54 -27.86 -20.56
C ASP A 60 -16.05 -26.91 -21.65
N THR A 61 -16.69 -25.80 -21.28
CA THR A 61 -17.56 -24.96 -22.14
C THR A 61 -16.88 -23.61 -22.47
N VAL A 62 -16.37 -22.94 -21.44
CA VAL A 62 -15.79 -21.57 -21.56
C VAL A 62 -14.37 -21.64 -22.13
N HIS A 63 -14.12 -20.85 -23.18
CA HIS A 63 -12.83 -20.67 -23.91
C HIS A 63 -12.04 -19.50 -23.30
N HIS A 64 -12.72 -18.37 -23.04
CA HIS A 64 -12.12 -17.21 -22.36
C HIS A 64 -13.23 -16.31 -21.79
N MET A 65 -12.87 -15.49 -20.81
CA MET A 65 -13.71 -14.43 -20.21
C MET A 65 -12.88 -13.15 -20.07
N LEU A 66 -13.55 -12.02 -20.22
CA LEU A 66 -12.98 -10.67 -20.05
C LEU A 66 -13.92 -9.90 -19.11
N LEU A 67 -13.35 -9.26 -18.08
CA LEU A 67 -14.07 -8.27 -17.25
C LEU A 67 -13.59 -6.88 -17.67
N PHE A 68 -14.50 -5.95 -17.93
CA PHE A 68 -14.25 -4.53 -18.23
C PHE A 68 -14.90 -3.65 -17.16
N GLY A 69 -14.34 -2.47 -16.93
CA GLY A 69 -15.04 -1.30 -16.37
C GLY A 69 -15.53 -0.36 -17.47
N CYS A 70 -16.74 0.16 -17.29
CA CYS A 70 -17.27 1.23 -18.14
C CYS A 70 -18.39 1.90 -17.35
N ASN A 71 -18.92 2.99 -17.87
CA ASN A 71 -20.03 3.70 -17.21
C ASN A 71 -21.26 3.58 -18.11
N MET A 72 -21.08 3.05 -19.33
CA MET A 72 -22.21 2.87 -20.28
C MET A 72 -22.17 1.48 -20.92
N PRO A 73 -22.83 0.47 -20.31
CA PRO A 73 -22.91 -0.85 -20.91
C PRO A 73 -23.74 -0.84 -22.20
N SER A 74 -23.38 -1.67 -23.17
CA SER A 74 -24.05 -1.69 -24.50
C SER A 74 -25.52 -2.04 -24.37
N SER A 75 -25.88 -3.01 -23.52
CA SER A 75 -27.31 -3.34 -23.30
C SER A 75 -27.66 -3.28 -21.82
N THR A 76 -28.95 -3.38 -21.50
CA THR A 76 -29.43 -3.27 -20.11
C THR A 76 -30.08 -4.59 -19.73
N GLY A 77 -29.90 -5.61 -20.55
CA GLY A 77 -30.51 -6.92 -20.27
C GLY A 77 -29.80 -7.72 -19.20
N SER A 78 -30.45 -8.79 -18.73
CA SER A 78 -29.81 -9.71 -17.78
C SER A 78 -28.59 -10.28 -18.48
N TYR A 79 -28.70 -10.46 -19.78
CA TYR A 79 -27.58 -10.94 -20.60
C TYR A 79 -27.85 -10.44 -22.01
N TRP A 80 -26.82 -10.47 -22.85
CA TRP A 80 -27.00 -10.04 -24.25
C TRP A 80 -25.88 -10.61 -25.10
N PHE A 81 -26.10 -10.66 -26.40
CA PHE A 81 -25.04 -11.10 -27.34
C PHE A 81 -24.13 -9.90 -27.60
N CYS A 82 -22.83 -10.09 -27.53
CA CYS A 82 -21.91 -8.92 -27.65
C CYS A 82 -20.75 -9.23 -28.59
N ASP A 83 -21.00 -9.22 -29.90
CA ASP A 83 -19.88 -9.37 -30.86
C ASP A 83 -19.44 -7.96 -31.21
N GLU A 84 -20.12 -6.95 -30.66
CA GLU A 84 -19.75 -5.52 -30.88
C GLU A 84 -18.73 -5.06 -29.85
N GLY A 85 -19.00 -3.94 -29.17
CA GLY A 85 -18.00 -3.35 -28.26
C GLY A 85 -18.30 -3.47 -26.77
N THR A 86 -19.25 -4.31 -26.33
CA THR A 86 -19.45 -4.53 -24.87
C THR A 86 -19.88 -3.26 -24.14
N CYS A 87 -19.05 -2.21 -24.16
CA CYS A 87 -19.40 -0.91 -23.52
C CYS A 87 -19.52 0.15 -24.61
N THR A 88 -20.55 0.99 -24.57
CA THR A 88 -20.72 2.10 -25.55
C THR A 88 -19.58 3.12 -25.37
N ASP A 89 -19.22 3.42 -24.12
CA ASP A 89 -18.09 4.32 -23.81
C ASP A 89 -16.77 3.54 -23.87
N LYS A 90 -15.67 4.09 -23.35
CA LYS A 90 -14.38 3.34 -23.31
C LYS A 90 -14.50 2.15 -22.34
N ALA A 91 -14.16 0.94 -22.81
CA ALA A 91 -14.12 -0.30 -22.01
C ALA A 91 -12.73 -0.47 -21.40
N ASN A 92 -12.63 -0.35 -20.08
CA ASN A 92 -11.34 -0.56 -19.37
C ASN A 92 -11.24 -2.03 -19.03
N ILE A 93 -10.25 -2.74 -19.56
CA ILE A 93 -10.08 -4.18 -19.26
C ILE A 93 -9.43 -4.31 -17.87
N LEU A 94 -10.06 -5.07 -16.96
CA LEU A 94 -9.58 -5.35 -15.59
C LEU A 94 -9.00 -6.77 -15.47
N TYR A 95 -9.56 -7.75 -16.17
CA TYR A 95 -9.25 -9.18 -15.96
C TYR A 95 -9.56 -9.94 -17.25
N ALA A 96 -8.60 -10.75 -17.68
CA ALA A 96 -8.71 -11.69 -18.82
C ALA A 96 -8.48 -13.09 -18.28
N TRP A 97 -9.29 -14.05 -18.71
CA TRP A 97 -9.06 -15.48 -18.43
C TRP A 97 -9.23 -16.25 -19.74
N ALA A 98 -8.35 -17.22 -20.01
CA ALA A 98 -8.34 -18.10 -21.20
C ALA A 98 -8.01 -19.52 -20.76
N ARG A 99 -8.75 -20.50 -21.30
CA ARG A 99 -8.67 -21.95 -20.99
C ARG A 99 -7.20 -22.38 -20.92
N ASN A 100 -6.46 -22.18 -22.01
CA ASN A 100 -5.10 -22.76 -22.19
C ASN A 100 -4.08 -21.64 -21.95
N ALA A 101 -3.89 -21.28 -20.68
CA ALA A 101 -3.03 -20.19 -20.20
C ALA A 101 -3.06 -20.14 -18.66
N PRO A 102 -1.89 -20.00 -17.97
CA PRO A 102 -1.87 -19.69 -16.54
C PRO A 102 -2.22 -18.23 -16.24
N PRO A 103 -3.25 -17.96 -15.41
CA PRO A 103 -3.61 -16.58 -15.06
C PRO A 103 -2.85 -16.10 -13.81
N THR A 104 -2.27 -14.89 -13.86
CA THR A 104 -1.42 -14.33 -12.78
C THR A 104 -2.20 -13.28 -11.98
N LEU A 106 -2.76 -10.20 -9.14
CA LEU A 106 -2.24 -8.81 -8.97
C LEU A 106 -1.08 -8.88 -7.98
N PRO A 107 -0.05 -8.02 -8.10
CA PRO A 107 0.95 -7.95 -7.04
C PRO A 107 0.28 -7.50 -5.73
N LYS A 108 0.86 -7.83 -4.58
CA LYS A 108 0.37 -7.39 -3.26
C LYS A 108 0.22 -5.87 -3.28
N GLY A 109 -0.87 -5.34 -2.71
CA GLY A 109 -1.15 -3.89 -2.57
C GLY A 109 -1.71 -3.26 -3.84
N VAL A 110 -1.91 -4.01 -4.93
CA VAL A 110 -2.36 -3.39 -6.20
C VAL A 110 -3.89 -3.43 -6.25
N GLY A 111 -4.49 -2.34 -6.72
CA GLY A 111 -5.94 -2.19 -6.88
C GLY A 111 -6.29 -1.48 -8.18
N PHE A 112 -7.45 -1.78 -8.75
CA PHE A 112 -8.02 -0.97 -9.86
C PHE A 112 -9.06 -0.03 -9.25
N ARG A 113 -8.87 1.28 -9.38
CA ARG A 113 -9.79 2.28 -8.80
C ARG A 113 -11.05 2.36 -9.68
N VAL A 114 -12.21 2.19 -9.06
CA VAL A 114 -13.54 2.29 -9.71
C VAL A 114 -14.43 3.25 -8.92
N GLY A 115 -15.53 3.69 -9.50
CA GLY A 115 -16.51 4.56 -8.85
C GLY A 115 -15.96 5.95 -8.56
N GLY A 116 -16.55 6.64 -7.59
CA GLY A 116 -16.27 8.05 -7.32
C GLY A 116 -16.73 8.87 -8.50
N GLU A 117 -16.17 10.06 -8.69
CA GLU A 117 -16.67 11.01 -9.73
C GLU A 117 -16.15 10.60 -11.11
N THR A 118 -15.12 9.74 -11.19
CA THR A 118 -14.35 9.51 -12.44
C THR A 118 -14.29 8.02 -12.80
N GLY A 119 -14.17 7.10 -11.84
CA GLY A 119 -13.98 5.66 -12.10
C GLY A 119 -15.20 5.03 -12.73
N SER A 120 -15.07 3.81 -13.26
CA SER A 120 -16.21 3.01 -13.82
C SER A 120 -17.28 2.79 -12.75
N LYS A 121 -18.53 2.74 -13.18
CA LYS A 121 -19.71 2.53 -12.32
C LYS A 121 -20.32 1.15 -12.59
N TYR A 122 -19.84 0.45 -13.61
CA TYR A 122 -20.41 -0.85 -14.07
C TYR A 122 -19.25 -1.76 -14.42
N PHE A 123 -19.36 -3.02 -14.03
CA PHE A 123 -18.53 -4.11 -14.60
C PHE A 123 -19.39 -4.72 -15.71
N VAL A 124 -18.78 -4.97 -16.87
CA VAL A 124 -19.35 -5.82 -17.95
C VAL A 124 -18.48 -7.08 -18.03
N LEU A 125 -19.07 -8.25 -17.94
CA LEU A 125 -18.36 -9.55 -18.08
C LEU A 125 -18.67 -10.08 -19.49
N GLN A 126 -17.65 -10.51 -20.22
CA GLN A 126 -17.83 -11.23 -21.49
C GLN A 126 -17.35 -12.68 -21.36
N VAL A 127 -18.14 -13.62 -21.88
CA VAL A 127 -17.83 -15.07 -21.87
C VAL A 127 -17.85 -15.57 -23.33
N HIS A 128 -16.73 -16.14 -23.77
CA HIS A 128 -16.57 -16.83 -25.07
C HIS A 128 -16.84 -18.31 -24.85
N TYR A 129 -17.98 -18.77 -25.36
CA TYR A 129 -18.28 -20.22 -25.26
C TYR A 129 -17.74 -20.83 -26.55
N GLY A 130 -17.21 -22.04 -26.47
CA GLY A 130 -16.62 -22.70 -27.66
C GLY A 130 -17.54 -23.71 -28.33
N ASP A 131 -17.42 -24.99 -27.96
CA ASP A 131 -18.21 -26.07 -28.63
C ASP A 131 -19.55 -26.28 -27.94
N ILE A 132 -20.65 -26.13 -28.68
CA ILE A 132 -22.00 -26.38 -28.12
C ILE A 132 -22.09 -27.84 -27.69
N SER A 133 -21.10 -28.65 -28.07
CA SER A 133 -21.09 -30.10 -27.76
C SER A 133 -21.25 -30.34 -26.26
N ALA A 134 -20.86 -29.36 -25.46
CA ALA A 134 -20.96 -29.51 -24.00
C ALA A 134 -22.37 -29.14 -23.57
N PHE A 135 -23.11 -28.49 -24.46
CA PHE A 135 -24.48 -28.03 -24.12
C PHE A 135 -25.49 -28.94 -24.81
N ARG A 136 -25.07 -30.14 -25.19
CA ARG A 136 -26.01 -31.12 -25.80
C ARG A 136 -27.13 -31.28 -24.77
N ASP A 137 -26.78 -31.45 -23.51
CA ASP A 137 -27.82 -31.40 -22.46
C ASP A 137 -28.18 -29.93 -22.41
N ASN A 138 -29.43 -29.56 -22.41
CA ASN A 138 -29.73 -28.11 -22.45
C ASN A 138 -29.47 -27.55 -21.06
N HIS A 139 -28.24 -27.68 -20.58
CA HIS A 139 -27.86 -27.20 -19.23
C HIS A 139 -27.60 -25.69 -19.26
N LYS A 140 -27.71 -25.06 -18.10
CA LYS A 140 -27.52 -23.60 -18.00
C LYS A 140 -26.14 -23.31 -17.39
N ASP A 141 -25.39 -22.40 -18.00
CA ASP A 141 -24.04 -22.04 -17.49
C ASP A 141 -24.12 -20.77 -16.66
N CYS A 142 -23.40 -20.75 -15.57
CA CYS A 142 -23.39 -19.62 -14.60
C CYS A 142 -21.95 -19.14 -14.43
N SER A 143 -21.13 -19.28 -15.47
CA SER A 143 -19.68 -18.96 -15.44
C SER A 143 -19.47 -17.46 -15.19
N GLY A 144 -18.32 -17.09 -14.63
CA GLY A 144 -17.92 -15.69 -14.45
C GLY A 144 -16.85 -15.52 -13.41
N VAL A 145 -16.87 -14.41 -12.67
CA VAL A 145 -15.71 -13.96 -11.83
C VAL A 145 -16.24 -13.48 -10.46
N SER A 146 -15.51 -13.85 -9.41
CA SER A 146 -15.68 -13.26 -8.07
C SER A 146 -14.67 -12.15 -7.93
N VAL A 147 -15.10 -10.98 -7.44
CA VAL A 147 -14.34 -9.70 -7.37
C VAL A 147 -14.32 -9.23 -5.92
N HIS A 148 -13.13 -8.98 -5.36
CA HIS A 148 -12.93 -8.43 -4.01
C HIS A 148 -12.78 -6.91 -4.17
N LEU A 149 -13.80 -6.18 -3.72
CA LEU A 149 -13.83 -4.69 -3.65
C LEU A 149 -13.55 -4.25 -2.21
N THR A 150 -12.69 -3.24 -2.06
CA THR A 150 -12.37 -2.53 -0.81
C THR A 150 -12.53 -1.03 -1.06
N ARG A 151 -13.06 -0.30 -0.07
CA ARG A 151 -12.99 1.19 -0.01
C ARG A 151 -11.65 1.67 0.59
N VAL A 152 -10.73 0.79 1.03
CA VAL A 152 -9.42 1.21 1.58
C VAL A 152 -8.45 1.59 0.47
N PRO A 153 -8.02 2.88 0.38
CA PRO A 153 -7.04 3.28 -0.62
C PRO A 153 -5.91 2.25 -0.68
N GLN A 154 -5.67 1.65 -1.83
CA GLN A 154 -4.53 0.72 -2.06
C GLN A 154 -3.29 1.53 -2.36
N PRO A 155 -2.13 1.22 -1.76
CA PRO A 155 -0.91 1.99 -2.04
C PRO A 155 -0.38 1.84 -3.49
N LEU A 156 -0.74 0.77 -4.21
CA LEU A 156 -0.39 0.67 -5.66
C LEU A 156 -1.70 0.66 -6.45
N ILE A 157 -1.71 1.26 -7.63
CA ILE A 157 -2.94 1.46 -8.42
C ILE A 157 -2.67 0.94 -9.83
N ALA A 158 -3.53 0.06 -10.34
CA ALA A 158 -3.34 -0.59 -11.65
C ALA A 158 -3.76 0.37 -12.76
N GLY A 159 -3.18 0.19 -13.92
CA GLY A 159 -3.51 0.94 -15.15
C GLY A 159 -3.09 0.13 -16.38
N MET A 160 -3.46 0.65 -17.53
CA MET A 160 -3.34 -0.01 -18.86
C MET A 160 -2.58 0.96 -19.76
N TYR A 161 -1.45 0.54 -20.30
CA TYR A 161 -0.73 1.29 -21.36
C TYR A 161 -1.03 0.63 -22.71
N LEU A 162 -1.72 1.35 -23.61
CA LEU A 162 -2.07 0.89 -24.98
C LEU A 162 -1.14 1.52 -26.02
N MET A 163 -0.35 0.69 -26.68
CA MET A 163 0.41 1.07 -27.90
C MET A 163 -0.31 0.47 -29.10
N MET A 164 -0.78 1.33 -30.00
CA MET A 164 -1.45 0.95 -31.27
C MET A 164 -0.78 1.72 -32.41
N SER A 165 -0.71 1.12 -33.58
CA SER A 165 -0.24 1.77 -34.84
C SER A 165 -1.48 2.11 -35.66
N VAL A 166 -1.58 3.34 -36.14
CA VAL A 166 -2.85 3.90 -36.64
C VAL A 166 -2.88 3.84 -38.18
N ASP A 167 -1.76 4.08 -38.87
CA ASP A 167 -1.68 3.96 -40.36
C ASP A 167 -1.21 2.54 -40.74
N THR A 168 -2.17 1.63 -41.00
CA THR A 168 -1.98 0.17 -41.22
C THR A 168 -2.65 -0.28 -42.53
N VAL A 169 -1.95 -0.13 -43.67
CA VAL A 169 -2.28 -0.76 -44.99
C VAL A 169 -1.02 -1.49 -45.50
N ILE A 170 -1.19 -2.75 -45.93
CA ILE A 170 -0.13 -3.64 -46.47
C ILE A 170 -0.58 -4.14 -47.83
N PRO A 171 0.26 -4.08 -48.90
CA PRO A 171 -0.14 -4.54 -50.23
C PRO A 171 -0.10 -6.07 -50.34
N PRO A 172 -0.99 -6.72 -51.14
CA PRO A 172 -1.18 -8.17 -51.10
C PRO A 172 -0.13 -8.98 -51.87
N GLY A 173 1.05 -9.19 -51.26
CA GLY A 173 2.21 -9.85 -51.87
C GLY A 173 3.49 -9.59 -51.10
N GLU A 174 3.67 -8.34 -50.65
CA GLU A 174 4.74 -7.87 -49.72
C GLU A 174 4.95 -8.88 -48.59
N LYS A 175 6.19 -9.33 -48.38
CA LYS A 175 6.49 -10.57 -47.62
C LYS A 175 6.65 -10.25 -46.13
N VAL A 176 7.17 -9.05 -45.81
CA VAL A 176 7.44 -8.59 -44.42
C VAL A 176 7.28 -7.07 -44.36
N VAL A 177 6.37 -6.62 -43.49
CA VAL A 177 6.15 -5.17 -43.19
C VAL A 177 6.11 -4.99 -41.68
N ASN A 178 6.82 -3.96 -41.22
CA ASN A 178 6.90 -3.58 -39.78
C ASN A 178 5.93 -2.42 -39.55
N ALA A 179 5.02 -2.58 -38.58
CA ALA A 179 4.33 -1.49 -37.87
C ALA A 179 5.14 -1.17 -36.62
N ASP A 180 5.88 -0.07 -36.63
CA ASP A 180 6.73 0.34 -35.47
C ASP A 180 6.03 1.46 -34.70
N ILE A 181 5.87 1.27 -33.39
CA ILE A 181 5.39 2.25 -32.37
C ILE A 181 6.53 2.60 -31.39
N SER A 182 6.73 3.87 -31.08
CA SER A 182 7.61 4.34 -29.98
C SER A 182 7.16 5.70 -29.40
N CYS A 183 7.30 5.86 -28.08
CA CYS A 183 6.94 7.06 -27.28
C CYS A 183 7.93 7.26 -26.13
N GLN A 184 8.20 8.52 -25.82
CA GLN A 184 9.04 8.89 -24.66
C GLN A 184 8.13 8.84 -23.43
N TYR A 185 8.52 8.11 -22.39
CA TYR A 185 7.79 8.07 -21.09
C TYR A 185 8.17 9.31 -20.27
N LYS A 186 7.18 10.18 -20.00
CA LYS A 186 7.39 11.48 -19.29
C LYS A 186 6.69 11.46 -17.92
N MET A 187 6.31 10.28 -17.39
CA MET A 187 5.50 10.17 -16.16
C MET A 187 6.38 9.65 -15.01
N TYR A 188 5.83 9.58 -13.79
CA TYR A 188 6.46 8.88 -12.65
C TYR A 188 6.47 7.38 -12.92
N PRO A 189 7.24 6.60 -12.13
CA PRO A 189 7.45 5.19 -12.45
C PRO A 189 6.18 4.33 -12.48
N MET A 190 6.06 3.55 -13.55
CA MET A 190 5.11 2.40 -13.63
C MET A 190 5.88 1.08 -13.59
N HIS A 191 5.33 0.07 -12.91
CA HIS A 191 5.93 -1.29 -12.86
C HIS A 191 5.04 -2.18 -13.73
N VAL A 192 5.61 -2.67 -14.81
CA VAL A 192 4.89 -3.50 -15.82
C VAL A 192 4.92 -4.94 -15.33
N PHE A 193 3.78 -5.60 -15.33
CA PHE A 193 3.63 -6.95 -14.74
C PHE A 193 2.88 -7.88 -15.68
N ALA A 194 2.17 -7.38 -16.69
CA ALA A 194 1.48 -8.25 -17.66
C ALA A 194 1.18 -7.48 -18.96
N TYR A 195 1.13 -8.21 -20.09
CA TYR A 195 0.79 -7.67 -21.43
C TYR A 195 -0.13 -8.62 -22.23
N ARG A 196 -0.76 -8.06 -23.26
CA ARG A 196 -1.63 -8.75 -24.22
C ARG A 196 -1.32 -8.13 -25.58
N VAL A 197 -1.07 -8.95 -26.60
CA VAL A 197 -0.83 -8.50 -27.99
C VAL A 197 -2.06 -8.90 -28.80
N HIS A 198 -2.43 -8.05 -29.74
CA HIS A 198 -3.60 -8.33 -30.61
C HIS A 198 -3.32 -7.88 -32.04
N THR A 199 -3.43 -8.81 -32.98
CA THR A 199 -3.30 -8.49 -34.41
C THR A 199 -4.42 -9.25 -35.12
N HIS A 200 -4.56 -9.07 -36.42
CA HIS A 200 -5.57 -9.86 -37.16
C HIS A 200 -4.88 -11.10 -37.75
N HIS A 201 -5.12 -11.40 -39.03
CA HIS A 201 -4.59 -12.69 -39.57
C HIS A 201 -3.22 -12.52 -40.20
N LEU A 202 -2.84 -11.30 -40.58
CA LEU A 202 -1.55 -11.10 -41.29
C LEU A 202 -0.43 -10.89 -40.28
N GLY A 203 -0.74 -11.01 -38.99
CA GLY A 203 0.25 -10.78 -37.93
C GLY A 203 1.02 -12.04 -37.62
N LYS A 204 2.34 -11.92 -37.47
CA LYS A 204 3.20 -13.12 -37.28
C LYS A 204 3.79 -13.08 -35.87
N VAL A 205 4.26 -11.91 -35.45
CA VAL A 205 4.83 -11.70 -34.09
C VAL A 205 4.68 -10.23 -33.68
N VAL A 206 4.43 -10.01 -32.38
CA VAL A 206 4.35 -8.65 -31.74
C VAL A 206 5.27 -8.65 -30.53
N SER A 207 6.09 -7.62 -30.40
CA SER A 207 7.12 -7.46 -29.33
C SER A 207 7.05 -6.06 -28.75
N GLY A 208 7.26 -5.92 -27.45
CA GLY A 208 7.27 -4.61 -26.78
C GLY A 208 8.45 -4.50 -25.84
N TYR A 209 9.10 -3.34 -25.85
CA TYR A 209 10.38 -3.14 -25.13
C TYR A 209 10.30 -1.82 -24.36
N ARG A 210 11.08 -1.74 -23.27
CA ARG A 210 11.58 -0.48 -22.68
C ARG A 210 13.02 -0.33 -23.15
N VAL A 211 13.36 0.82 -23.73
CA VAL A 211 14.71 1.15 -24.22
C VAL A 211 15.19 2.29 -23.33
N ARG A 212 16.24 2.03 -22.55
CA ARG A 212 16.85 3.04 -21.63
C ARG A 212 18.35 3.02 -21.89
N ASN A 213 18.95 4.20 -22.07
CA ASN A 213 20.37 4.36 -22.46
C ASN A 213 20.74 3.39 -23.59
N GLY A 214 19.90 3.17 -24.61
CA GLY A 214 20.20 2.30 -25.77
C GLY A 214 20.04 0.79 -25.51
N GLN A 215 19.70 0.41 -24.27
CA GLN A 215 19.52 -1.01 -23.83
C GLN A 215 18.04 -1.37 -23.93
N TRP A 216 17.76 -2.40 -24.74
CA TRP A 216 16.44 -3.00 -25.04
C TRP A 216 16.15 -4.06 -23.97
N THR A 217 15.24 -3.79 -23.04
CA THR A 217 14.70 -4.77 -22.07
C THR A 217 13.30 -5.20 -22.54
N LEU A 218 13.10 -6.51 -22.70
CA LEU A 218 11.87 -7.16 -23.23
C LEU A 218 10.72 -7.03 -22.23
N ILE A 219 9.62 -6.42 -22.66
CA ILE A 219 8.33 -6.47 -21.89
C ILE A 219 7.58 -7.74 -22.35
N GLY A 220 7.36 -7.90 -23.65
CA GLY A 220 6.65 -9.10 -24.15
C GLY A 220 6.98 -9.43 -25.59
N ARG A 221 6.92 -10.71 -25.92
CA ARG A 221 6.90 -11.24 -27.30
C ARG A 221 5.82 -12.34 -27.36
N GLN A 222 4.89 -12.28 -28.31
CA GLN A 222 3.87 -13.34 -28.41
C GLN A 222 3.42 -13.49 -29.87
N ASN A 223 3.04 -14.73 -30.23
CA ASN A 223 2.25 -15.01 -31.46
C ASN A 223 0.89 -14.34 -31.27
N PRO A 224 0.53 -13.36 -32.11
CA PRO A 224 -0.80 -12.73 -32.06
C PRO A 224 -1.94 -13.50 -32.76
N GLN A 225 -1.72 -14.80 -32.96
CA GLN A 225 -2.71 -15.69 -33.59
C GLN A 225 -3.06 -16.73 -32.54
N LEU A 226 -2.45 -16.61 -31.36
CA LEU A 226 -2.70 -17.58 -30.26
C LEU A 226 -3.81 -17.00 -29.39
N PRO A 227 -4.30 -17.70 -28.36
CA PRO A 227 -5.41 -17.21 -27.54
C PRO A 227 -5.16 -15.73 -27.22
N ALA A 228 -6.23 -14.91 -27.23
CA ALA A 228 -6.04 -13.47 -27.01
C ALA A 228 -6.26 -13.11 -25.53
N ALA A 229 -5.36 -13.58 -24.67
CA ALA A 229 -5.48 -13.13 -23.26
C ALA A 229 -4.19 -12.46 -22.81
N PHE A 230 -4.10 -12.17 -21.53
CA PHE A 230 -2.89 -11.55 -20.94
C PHE A 230 -1.91 -12.65 -20.53
N TYR A 231 -0.62 -12.44 -20.77
CA TYR A 231 0.49 -13.28 -20.27
C TYR A 231 1.25 -12.51 -19.19
N PRO A 232 1.86 -13.22 -18.21
CA PRO A 232 2.68 -12.55 -17.21
C PRO A 232 4.06 -12.16 -17.73
N VAL A 233 4.51 -10.94 -17.39
CA VAL A 233 5.85 -10.47 -17.82
C VAL A 233 6.91 -11.36 -17.14
N GLU A 234 7.68 -12.09 -17.93
CA GLU A 234 8.69 -13.04 -17.38
C GLU A 234 9.53 -12.35 -16.32
N HIS A 235 10.14 -11.22 -16.64
CA HIS A 235 10.88 -10.44 -15.62
C HIS A 235 10.20 -9.09 -15.48
N PRO A 236 9.38 -8.88 -14.43
CA PRO A 236 8.69 -7.60 -14.21
C PRO A 236 9.59 -6.37 -14.46
N VAL A 237 9.07 -5.38 -15.18
CA VAL A 237 9.89 -4.20 -15.60
C VAL A 237 9.36 -2.88 -15.06
N ASP A 238 10.24 -1.90 -14.88
CA ASP A 238 9.86 -0.53 -14.44
C ASP A 238 10.11 0.45 -15.57
N VAL A 239 9.17 1.33 -15.86
CA VAL A 239 9.38 2.41 -16.89
C VAL A 239 9.52 3.74 -16.15
N THR A 240 10.50 4.54 -16.55
CA THR A 240 10.86 5.81 -15.85
C THR A 240 11.06 6.95 -16.85
N PHE A 241 10.89 8.18 -16.38
CA PHE A 241 11.15 9.42 -17.16
C PHE A 241 12.40 9.19 -18.02
N GLY A 242 12.28 9.45 -19.32
CA GLY A 242 13.42 9.39 -20.25
C GLY A 242 13.46 8.08 -21.01
N ASP A 243 12.78 7.04 -20.54
CA ASP A 243 12.72 5.72 -21.24
C ASP A 243 11.86 5.86 -22.51
N ILE A 244 12.17 5.04 -23.51
CA ILE A 244 11.28 4.92 -24.69
C ILE A 244 10.57 3.57 -24.59
N LEU A 245 9.26 3.57 -24.79
CA LEU A 245 8.51 2.33 -25.07
C LEU A 245 8.53 2.20 -26.58
N ALA A 246 8.99 1.05 -27.05
CA ALA A 246 9.04 0.67 -28.47
C ALA A 246 8.31 -0.66 -28.58
N ALA A 247 7.46 -0.80 -29.59
CA ALA A 247 6.83 -2.08 -29.97
C ALA A 247 6.97 -2.29 -31.48
N ARG A 248 6.98 -3.53 -31.93
CA ARG A 248 6.98 -3.84 -33.38
C ARG A 248 6.05 -5.01 -33.64
N CYS A 249 5.03 -4.79 -34.46
CA CYS A 249 4.19 -5.84 -35.08
C CYS A 249 4.82 -6.16 -36.44
N VAL A 250 5.26 -7.41 -36.66
CA VAL A 250 5.72 -7.91 -37.99
C VAL A 250 4.53 -8.53 -38.74
N PHE A 251 4.27 -8.07 -39.97
CA PHE A 251 3.12 -8.50 -40.83
C PHE A 251 3.59 -9.09 -42.16
N THR A 252 2.70 -9.85 -42.82
CA THR A 252 2.85 -10.40 -44.21
C THR A 252 1.78 -9.81 -45.14
N GLY A 253 2.02 -9.89 -46.45
CA GLY A 253 1.00 -9.85 -47.52
C GLY A 253 0.94 -11.15 -48.28
N GLU A 254 0.96 -12.29 -47.55
CA GLU A 254 0.93 -13.68 -48.10
C GLU A 254 0.03 -14.54 -47.22
N GLY A 255 -1.26 -14.55 -47.51
CA GLY A 255 -2.34 -15.14 -46.67
C GLY A 255 -3.67 -14.47 -46.93
N ARG A 256 -3.64 -13.16 -47.27
CA ARG A 256 -4.80 -12.37 -47.77
C ARG A 256 -4.42 -11.78 -49.15
N THR A 257 -5.44 -11.39 -49.93
CA THR A 257 -5.36 -11.18 -51.41
C THR A 257 -5.47 -9.68 -51.77
N GLU A 258 -5.84 -8.80 -50.83
CA GLU A 258 -6.00 -7.33 -51.05
C GLU A 258 -5.26 -6.55 -49.95
N ALA A 259 -5.22 -5.22 -50.08
CA ALA A 259 -4.43 -4.29 -49.23
C ALA A 259 -5.23 -3.90 -47.97
N THR A 260 -5.01 -4.62 -46.85
CA THR A 260 -5.89 -4.62 -45.64
C THR A 260 -5.74 -3.31 -44.87
N HIS A 261 -6.87 -2.74 -44.38
CA HIS A 261 -6.95 -1.46 -43.61
C HIS A 261 -7.43 -1.75 -42.17
N ILE A 262 -7.51 -0.71 -41.33
CA ILE A 262 -7.82 -0.81 -39.86
C ILE A 262 -9.32 -1.07 -39.66
N GLY A 263 -9.69 -1.66 -38.52
CA GLY A 263 -11.09 -1.86 -38.10
C GLY A 263 -11.22 -2.77 -36.89
N GLY A 264 -12.44 -2.95 -36.37
CA GLY A 264 -12.76 -3.74 -35.16
C GLY A 264 -13.06 -5.19 -35.50
N THR A 265 -13.91 -5.42 -36.51
CA THR A 265 -14.22 -6.76 -37.10
C THR A 265 -12.93 -7.38 -37.64
N SER A 266 -12.97 -8.65 -38.06
CA SER A 266 -11.79 -9.54 -38.20
C SER A 266 -11.17 -9.49 -39.61
N SER A 267 -11.72 -8.70 -40.55
CA SER A 267 -11.26 -8.63 -41.96
C SER A 267 -10.37 -7.39 -42.22
N ASP A 268 -10.20 -6.53 -41.20
CA ASP A 268 -9.34 -5.31 -41.25
C ASP A 268 -7.99 -5.70 -40.61
N GLU A 269 -7.09 -4.73 -40.29
CA GLU A 269 -5.80 -5.01 -39.57
C GLU A 269 -5.56 -4.03 -38.41
N MET A 270 -5.42 -4.56 -37.20
CA MET A 270 -4.99 -3.82 -35.99
C MET A 270 -3.55 -4.20 -35.69
N CYS A 271 -2.85 -3.39 -34.90
CA CYS A 271 -1.57 -3.75 -34.22
C CYS A 271 -1.59 -3.07 -32.85
N ASN A 272 -2.02 -3.83 -31.85
CA ASN A 272 -2.22 -3.36 -30.45
C ASN A 272 -1.33 -4.20 -29.53
N LEU A 273 -0.84 -3.54 -28.47
CA LEU A 273 -0.13 -4.18 -27.34
C LEU A 273 -0.63 -3.52 -26.05
N TYR A 274 -1.17 -4.33 -25.13
CA TYR A 274 -1.78 -3.92 -23.85
C TYR A 274 -0.79 -4.20 -22.72
N ILE A 275 -0.22 -3.17 -22.11
CA ILE A 275 0.70 -3.36 -20.95
C ILE A 275 -0.04 -2.98 -19.68
N MET A 276 -0.36 -3.96 -18.87
CA MET A 276 -0.89 -3.75 -17.51
C MET A 276 0.29 -3.36 -16.64
N TYR A 277 0.16 -2.28 -15.89
CA TYR A 277 1.20 -1.82 -14.94
C TYR A 277 0.55 -1.53 -13.59
N TYR A 278 1.37 -1.12 -12.63
CA TYR A 278 0.93 -0.34 -11.44
C TYR A 278 1.89 0.84 -11.16
N MET A 279 1.42 1.74 -10.32
CA MET A 279 2.08 3.03 -9.97
C MET A 279 1.81 3.30 -8.50
N GLU A 280 2.68 4.05 -7.83
CA GLU A 280 2.37 4.69 -6.54
C GLU A 280 1.05 5.46 -6.65
N ALA A 281 0.21 5.43 -5.61
CA ALA A 281 -1.18 5.96 -5.60
C ALA A 281 -1.15 7.47 -5.82
N LYS A 282 -0.26 8.17 -5.12
CA LYS A 282 -0.07 9.63 -5.25
C LYS A 282 0.00 10.01 -6.73
N TYR A 283 0.73 9.23 -7.53
CA TYR A 283 1.13 9.55 -8.93
C TYR A 283 0.29 8.83 -9.99
N ALA A 284 -0.62 7.93 -9.64
CA ALA A 284 -1.10 6.86 -10.56
C ALA A 284 -2.07 7.38 -11.63
N LEU A 285 -1.76 7.15 -12.91
CA LEU A 285 -2.73 7.20 -14.03
C LEU A 285 -3.23 5.80 -14.37
N SER A 286 -4.53 5.71 -14.69
CA SER A 286 -5.29 4.47 -14.96
C SER A 286 -5.18 4.09 -16.44
N PHE A 287 -4.87 5.03 -17.34
CA PHE A 287 -4.75 4.76 -18.80
C PHE A 287 -3.65 5.64 -19.38
N MET A 288 -2.86 5.11 -20.29
CA MET A 288 -1.94 5.89 -21.16
C MET A 288 -2.02 5.32 -22.59
N THR A 289 -1.64 6.11 -23.58
CA THR A 289 -1.60 5.60 -24.98
C THR A 289 -0.28 5.98 -25.62
N CYS A 290 0.04 5.31 -26.72
CA CYS A 290 1.06 5.68 -27.71
C CYS A 290 0.51 5.28 -29.07
N THR A 291 0.31 6.26 -29.93
CA THR A 291 -0.24 6.07 -31.30
C THR A 291 0.77 6.62 -32.32
N LYS A 292 2.00 6.92 -31.89
CA LYS A 292 3.08 7.57 -32.67
C LYS A 292 4.30 6.64 -32.74
N ASN A 293 5.29 7.04 -33.55
CA ASN A 293 6.65 6.46 -33.67
C ASN A 293 7.66 7.58 -33.54
N VAL A 294 7.99 8.03 -32.32
CA VAL A 294 8.78 9.29 -32.11
C VAL A 294 10.27 9.04 -32.35
N ALA A 295 10.73 7.78 -32.40
CA ALA A 295 12.15 7.48 -32.53
C ALA A 295 12.36 6.35 -33.54
N PRO A 296 12.07 6.58 -34.85
CA PRO A 296 12.12 5.50 -35.86
C PRO A 296 13.54 4.98 -36.15
N ASP A 297 14.56 5.84 -35.99
CA ASP A 297 15.99 5.52 -36.22
C ASP A 297 16.48 4.53 -35.16
N MET A 298 15.81 4.46 -34.02
CA MET A 298 16.25 3.69 -32.83
C MET A 298 15.89 2.21 -33.00
N PHE A 299 14.88 1.90 -33.83
CA PHE A 299 14.51 0.51 -34.22
C PHE A 299 15.68 -0.20 -34.91
N ARG A 300 16.64 0.56 -35.45
CA ARG A 300 17.84 0.00 -36.14
C ARG A 300 18.62 -0.90 -35.17
N THR A 301 18.56 -0.69 -33.86
CA THR A 301 19.22 -1.59 -32.88
C THR A 301 18.19 -2.46 -32.14
N ILE A 302 17.07 -2.81 -32.77
CA ILE A 302 16.09 -3.74 -32.13
C ILE A 302 16.70 -5.13 -32.14
N PRO A 303 16.53 -5.94 -31.06
CA PRO A 303 17.08 -7.29 -31.00
C PRO A 303 16.46 -8.16 -32.08
N ALA A 304 17.13 -9.24 -32.48
CA ALA A 304 16.75 -10.06 -33.65
C ALA A 304 15.45 -10.82 -33.36
N GLU A 305 15.22 -11.18 -32.08
CA GLU A 305 14.01 -11.94 -31.65
C GLU A 305 12.78 -11.23 -32.27
N ALA A 306 12.71 -9.91 -32.26
CA ALA A 306 11.53 -9.11 -32.69
C ALA A 306 11.19 -9.35 -34.18
N ASN A 307 12.13 -9.84 -34.98
CA ASN A 307 11.96 -10.04 -36.45
C ASN A 307 11.72 -11.51 -36.79
N ILE A 308 11.70 -12.41 -35.81
CA ILE A 308 11.58 -13.87 -36.04
C ILE A 308 10.24 -14.34 -35.48
N PRO A 309 9.35 -14.91 -36.31
CA PRO A 309 8.10 -15.49 -35.81
C PRO A 309 8.40 -16.88 -35.25
N ILE A 310 7.87 -17.19 -34.06
CA ILE A 310 7.96 -18.53 -33.41
C ILE A 310 6.66 -19.31 -33.67
N ASN B 1 21.32 -4.47 34.93
CA ASN B 1 22.48 -5.42 35.06
C ASN B 1 23.80 -4.64 35.02
N GLU B 2 24.85 -5.20 35.64
CA GLU B 2 26.21 -4.60 35.76
C GLU B 2 26.97 -4.83 34.44
N CYS B 3 28.20 -4.29 34.34
CA CYS B 3 29.00 -4.20 33.09
C CYS B 3 29.62 -5.56 32.76
N LEU B 4 29.36 -6.04 31.54
CA LEU B 4 29.62 -7.43 31.06
C LEU B 4 31.10 -7.76 31.20
N ILE B 7 31.24 -9.50 26.28
CA ILE B 7 30.66 -10.86 25.99
C ILE B 7 29.99 -10.88 24.60
N GLY B 8 29.36 -9.78 24.17
CA GLY B 8 28.77 -9.65 22.82
C GLY B 8 27.61 -8.67 22.80
N PRO B 9 27.63 -7.63 21.92
CA PRO B 9 26.43 -6.88 21.58
C PRO B 9 25.56 -7.57 20.50
N VAL B 10 26.14 -8.38 19.61
CA VAL B 10 25.37 -9.16 18.59
C VAL B 10 25.61 -10.67 18.78
N THR B 11 24.52 -11.37 19.10
CA THR B 11 24.57 -12.82 19.37
C THR B 11 23.59 -13.54 18.48
N PRO B 12 24.01 -14.26 17.42
CA PRO B 12 23.09 -15.08 16.61
C PRO B 12 22.57 -16.25 17.45
N LEU B 13 21.25 -16.35 17.63
CA LEU B 13 20.68 -17.39 18.50
C LEU B 13 20.35 -18.61 17.65
N ASP B 14 20.18 -18.40 16.35
CA ASP B 14 19.80 -19.51 15.45
C ASP B 14 19.82 -19.00 14.01
N ALA B 15 19.17 -19.71 13.12
CA ALA B 15 19.10 -19.36 11.68
C ALA B 15 18.35 -18.05 11.43
N SER B 16 17.38 -17.71 12.26
CA SER B 16 16.53 -16.53 11.99
C SER B 16 16.66 -15.46 13.05
N ASP B 17 17.04 -15.84 14.25
CA ASP B 17 16.96 -14.90 15.38
C ASP B 17 18.32 -14.43 15.90
N PHE B 18 18.33 -13.24 16.49
CA PHE B 18 19.55 -12.69 17.12
C PHE B 18 19.16 -11.80 18.30
N ALA B 19 19.94 -11.78 19.36
CA ALA B 19 19.75 -10.81 20.47
C ALA B 19 20.77 -9.69 20.28
N LEU B 20 20.35 -8.43 20.38
CA LEU B 20 21.25 -7.24 20.42
C LEU B 20 21.32 -6.75 21.85
N ASP B 21 22.52 -6.70 22.44
CA ASP B 21 22.76 -6.07 23.76
C ASP B 21 23.14 -4.60 23.52
N ILE B 22 22.17 -3.69 23.66
CA ILE B 22 22.28 -2.21 23.44
C ILE B 22 22.47 -1.54 24.80
N ARG B 23 23.71 -1.38 25.23
CA ARG B 23 24.09 -0.90 26.58
C ARG B 23 25.02 0.30 26.46
N MET B 24 24.94 1.23 27.40
CA MET B 24 25.94 2.33 27.55
C MET B 24 27.33 1.71 27.74
N PRO B 25 28.37 2.37 27.18
CA PRO B 25 29.71 1.82 27.20
C PRO B 25 30.48 2.18 28.46
N GLY B 26 29.91 1.88 29.62
CA GLY B 26 30.56 2.27 30.88
C GLY B 26 30.50 3.77 31.03
N VAL B 27 29.32 4.30 31.29
CA VAL B 27 29.16 5.77 31.39
C VAL B 27 29.12 6.17 32.85
N THR B 28 29.65 7.34 33.18
CA THR B 28 29.64 7.83 34.58
C THR B 28 29.16 9.28 34.54
N PRO B 29 27.83 9.51 34.54
CA PRO B 29 27.28 10.87 34.58
C PRO B 29 27.90 11.75 35.69
N LYS B 30 28.23 13.00 35.37
CA LYS B 30 28.89 13.90 36.36
C LYS B 30 27.88 14.94 36.86
N GLU B 31 26.96 15.37 36.00
CA GLU B 31 25.89 16.32 36.41
C GLU B 31 24.57 15.54 36.54
N SER B 32 23.53 16.19 37.05
CA SER B 32 22.24 15.50 37.27
C SER B 32 21.30 15.77 36.10
N ASP B 33 20.48 14.77 35.73
CA ASP B 33 19.51 14.88 34.60
C ASP B 33 20.28 14.93 33.28
N THR B 34 21.23 14.01 33.10
CA THR B 34 22.03 13.94 31.86
C THR B 34 21.34 13.02 30.85
N TYR B 35 21.30 13.42 29.59
CA TYR B 35 20.75 12.55 28.54
C TYR B 35 21.92 11.93 27.77
N PHE B 36 22.14 10.63 27.95
CA PHE B 36 23.21 9.93 27.22
C PHE B 36 22.61 9.07 26.10
N CYS B 37 23.22 9.09 24.92
CA CYS B 37 22.76 8.36 23.71
C CYS B 37 23.90 7.53 23.17
N MET B 38 23.56 6.47 22.42
CA MET B 38 24.50 5.67 21.59
C MET B 38 23.73 4.84 20.56
N SER B 39 24.37 4.41 19.48
CA SER B 39 23.72 3.78 18.31
C SER B 39 24.27 2.37 18.06
N MET B 40 23.43 1.44 17.60
CA MET B 40 23.82 0.12 17.00
C MET B 40 23.29 0.08 15.58
N ARG B 41 24.19 -0.11 14.61
CA ARG B 41 23.87 -0.45 13.21
C ARG B 41 23.17 -1.82 13.19
N LEU B 42 22.04 -1.93 12.50
CA LEU B 42 21.35 -3.23 12.32
C LEU B 42 22.32 -4.19 11.63
N PRO B 43 22.66 -5.33 12.25
CA PRO B 43 23.64 -6.25 11.68
C PRO B 43 23.12 -7.22 10.61
N VAL B 44 21.99 -6.90 9.96
CA VAL B 44 21.51 -7.60 8.74
C VAL B 44 21.19 -6.57 7.64
N ASP B 45 21.31 -6.95 6.38
CA ASP B 45 20.91 -6.01 5.30
C ASP B 45 19.43 -6.22 4.97
N GLU B 46 18.86 -7.33 5.39
CA GLU B 46 17.47 -7.66 4.98
C GLU B 46 16.44 -7.27 6.02
N GLU B 47 15.15 -7.38 5.68
CA GLU B 47 14.05 -7.07 6.61
C GLU B 47 14.21 -7.87 7.90
N ALA B 48 13.81 -7.28 9.00
CA ALA B 48 13.87 -7.99 10.28
C ALA B 48 12.74 -7.44 11.14
N PHE B 49 12.42 -8.17 12.19
CA PHE B 49 11.32 -7.77 13.09
C PHE B 49 11.81 -7.81 14.53
N VAL B 50 11.56 -6.72 15.24
CA VAL B 50 11.89 -6.65 16.67
C VAL B 50 10.67 -7.25 17.37
N ILE B 51 10.84 -8.36 18.11
CA ILE B 51 9.70 -9.09 18.74
C ILE B 51 9.75 -8.96 20.28
N ASP B 52 10.74 -8.28 20.88
CA ASP B 52 10.86 -8.26 22.37
C ASP B 52 11.89 -7.26 22.91
N PHE B 53 11.66 -6.70 24.09
CA PHE B 53 12.57 -5.78 24.81
C PHE B 53 12.75 -6.26 26.26
N LYS B 54 13.96 -6.58 26.72
CA LYS B 54 14.25 -6.68 28.18
C LYS B 54 15.06 -5.47 28.64
N PRO B 55 14.52 -4.62 29.54
CA PRO B 55 15.26 -3.48 30.08
C PRO B 55 16.33 -3.92 31.07
N ARG B 56 17.51 -3.32 30.95
CA ARG B 56 18.70 -3.48 31.84
C ARG B 56 18.94 -2.12 32.50
N ALA B 57 18.18 -1.78 33.52
CA ALA B 57 18.18 -0.42 34.12
C ALA B 57 18.36 -0.51 35.64
N SER B 58 19.45 0.08 36.12
CA SER B 58 19.64 0.41 37.56
C SER B 58 18.39 1.13 38.06
N MET B 59 17.71 0.55 39.04
CA MET B 59 16.54 1.21 39.66
C MET B 59 17.04 2.49 40.34
N ASP B 60 18.21 2.37 40.99
CA ASP B 60 18.96 3.47 41.67
C ASP B 60 19.09 4.68 40.74
N THR B 61 19.61 4.46 39.52
CA THR B 61 20.42 5.46 38.77
C THR B 61 19.68 5.95 37.52
N VAL B 62 19.02 5.06 36.78
CA VAL B 62 18.34 5.43 35.50
C VAL B 62 16.93 5.89 35.82
N HIS B 63 16.52 7.03 35.29
CA HIS B 63 15.12 7.56 35.41
C HIS B 63 14.25 6.95 34.31
N HIS B 64 14.69 7.04 33.05
CA HIS B 64 13.91 6.52 31.90
C HIS B 64 14.81 6.31 30.69
N MET B 65 14.36 5.46 29.79
CA MET B 65 15.07 5.08 28.55
C MET B 65 14.08 5.03 27.39
N LEU B 66 14.60 5.34 26.20
CA LEU B 66 13.91 5.37 24.90
C LEU B 66 14.78 4.62 23.90
N LEU B 67 14.19 3.71 23.14
CA LEU B 67 14.85 3.11 21.96
C LEU B 67 14.13 3.66 20.73
N PHE B 68 14.88 4.22 19.77
CA PHE B 68 14.38 4.74 18.48
C PHE B 68 15.03 3.94 17.34
N GLY B 69 14.31 3.82 16.22
CA GLY B 69 14.89 3.50 14.89
C GLY B 69 15.03 4.75 14.03
N CYS B 70 16.13 4.85 13.26
CA CYS B 70 16.38 5.91 12.26
C CYS B 70 17.45 5.46 11.29
N ASN B 71 17.84 6.29 10.33
CA ASN B 71 18.96 5.98 9.39
C ASN B 71 20.21 6.81 9.72
N MET B 72 20.04 7.99 10.32
CA MET B 72 21.11 9.00 10.55
C MET B 72 21.09 9.44 12.01
N PRO B 73 21.73 8.66 12.93
CA PRO B 73 22.01 9.10 14.28
C PRO B 73 22.71 10.46 14.31
N SER B 74 22.31 11.36 15.22
CA SER B 74 22.92 12.70 15.43
C SER B 74 24.46 12.60 15.45
N SER B 75 25.04 11.73 16.29
CA SER B 75 26.51 11.52 16.40
C SER B 75 26.89 10.05 16.22
N THR B 76 28.21 9.80 16.16
CA THR B 76 28.68 8.45 15.77
C THR B 76 29.74 7.88 16.68
N GLY B 77 29.87 8.35 17.92
CA GLY B 77 30.89 7.71 18.77
C GLY B 77 30.33 6.71 19.76
N SER B 78 31.20 6.16 20.61
CA SER B 78 30.78 5.22 21.66
C SER B 78 29.52 5.74 22.32
N TYR B 79 29.49 7.04 22.55
CA TYR B 79 28.33 7.68 23.22
C TYR B 79 28.43 9.17 22.92
N TRP B 80 27.39 9.91 23.27
CA TRP B 80 27.34 11.36 23.03
C TRP B 80 26.24 11.99 23.90
N PHE B 81 26.48 13.21 24.35
CA PHE B 81 25.42 13.94 25.10
C PHE B 81 24.34 14.31 24.09
N CYS B 82 23.11 13.89 24.33
CA CYS B 82 22.05 14.12 23.33
C CYS B 82 20.91 14.92 23.95
N ASP B 83 21.22 15.87 24.81
CA ASP B 83 20.13 16.77 25.27
C ASP B 83 19.75 17.50 23.98
N GLU B 84 20.67 17.54 23.02
CA GLU B 84 20.44 18.18 21.70
C GLU B 84 19.43 17.36 20.89
N GLY B 85 19.73 16.09 20.59
CA GLY B 85 18.85 15.25 19.78
C GLY B 85 19.32 13.81 19.64
N THR B 86 18.50 12.95 19.02
CA THR B 86 18.82 11.51 18.92
C THR B 86 19.13 11.12 17.47
N CYS B 87 18.27 11.51 16.52
CA CYS B 87 18.56 11.22 15.09
C CYS B 87 18.50 12.53 14.29
N THR B 88 19.12 12.53 13.11
CA THR B 88 19.00 13.69 12.20
C THR B 88 17.70 13.50 11.41
N ASP B 89 17.38 12.27 11.06
CA ASP B 89 16.14 11.95 10.30
C ASP B 89 14.97 11.75 11.24
N LYS B 90 13.88 11.14 10.77
CA LYS B 90 12.73 10.83 11.64
C LYS B 90 13.12 9.74 12.64
N ALA B 91 12.94 10.03 13.92
CA ALA B 91 13.20 9.01 14.96
C ALA B 91 11.90 8.28 15.22
N ASN B 92 11.92 6.96 15.02
CA ASN B 92 10.72 6.14 15.24
C ASN B 92 10.86 5.47 16.60
N ILE B 93 10.02 5.85 17.56
CA ILE B 93 10.11 5.32 18.93
C ILE B 93 9.65 3.87 18.97
N LEU B 94 10.56 2.94 19.29
CA LEU B 94 10.21 1.50 19.38
C LEU B 94 9.82 1.13 20.81
N TYR B 95 10.54 1.63 21.81
CA TYR B 95 10.44 1.15 23.21
C TYR B 95 10.69 2.34 24.14
N ALA B 96 9.93 2.43 25.22
CA ALA B 96 10.16 3.43 26.28
C ALA B 96 10.11 2.75 27.66
N TRP B 97 11.02 3.13 28.56
CA TRP B 97 11.06 2.62 29.95
C TRP B 97 11.15 3.82 30.89
N ALA B 98 10.27 3.86 31.89
CA ALA B 98 10.29 4.90 32.94
C ALA B 98 10.47 4.19 34.28
N ARG B 99 10.87 4.91 35.32
CA ARG B 99 11.21 4.31 36.64
C ARG B 99 10.15 3.35 37.20
N ASN B 100 9.03 3.88 37.68
CA ASN B 100 8.06 2.96 38.35
C ASN B 100 7.06 2.42 37.34
N ALA B 101 6.61 3.26 36.41
CA ALA B 101 5.62 2.83 35.40
C ALA B 101 5.97 1.43 34.87
N PRO B 102 4.98 0.52 34.72
CA PRO B 102 5.24 -0.78 34.09
C PRO B 102 4.74 -0.84 32.65
N PRO B 103 5.39 -1.58 31.74
CA PRO B 103 4.92 -1.74 30.36
C PRO B 103 4.55 -3.17 29.93
N THR B 104 4.30 -3.37 28.63
CA THR B 104 3.96 -4.71 28.08
C THR B 104 4.07 -4.72 26.55
N LEU B 106 4.86 -6.50 24.01
CA LEU B 106 4.13 -6.44 22.73
C LEU B 106 3.11 -7.57 22.73
N PRO B 107 1.92 -7.40 22.13
CA PRO B 107 1.03 -8.54 21.96
C PRO B 107 1.74 -9.68 21.21
N LYS B 108 1.34 -10.90 21.55
CA LYS B 108 1.77 -12.16 20.90
C LYS B 108 1.76 -11.97 19.38
N GLY B 109 2.81 -12.41 18.69
CA GLY B 109 2.93 -12.41 17.21
C GLY B 109 3.15 -11.03 16.61
N VAL B 110 3.54 -10.03 17.40
CA VAL B 110 3.78 -8.63 16.95
C VAL B 110 5.26 -8.31 16.87
N GLY B 111 5.68 -7.70 15.76
CA GLY B 111 7.03 -7.14 15.59
C GLY B 111 7.02 -5.73 15.03
N PHE B 112 8.10 -4.98 15.25
CA PHE B 112 8.42 -3.75 14.49
C PHE B 112 9.30 -4.14 13.31
N ARG B 113 8.94 -3.73 12.09
CA ARG B 113 9.70 -4.02 10.85
C ARG B 113 10.87 -3.02 10.78
N VAL B 114 12.10 -3.51 10.61
CA VAL B 114 13.36 -2.71 10.54
C VAL B 114 14.19 -3.21 9.36
N GLY B 115 15.31 -2.57 9.03
CA GLY B 115 16.15 -2.98 7.89
C GLY B 115 15.33 -3.13 6.62
N GLY B 116 15.83 -3.90 5.66
CA GLY B 116 15.18 -4.06 4.33
C GLY B 116 15.33 -2.79 3.52
N GLU B 117 14.47 -2.55 2.55
CA GLU B 117 14.66 -1.43 1.58
C GLU B 117 14.38 -0.09 2.29
N THR B 118 13.54 -0.09 3.33
CA THR B 118 12.90 1.14 3.84
C THR B 118 12.73 1.16 5.37
N GLY B 119 13.00 0.06 6.09
CA GLY B 119 12.96 0.09 7.56
C GLY B 119 14.09 0.93 8.14
N SER B 120 14.16 1.09 9.45
CA SER B 120 15.29 1.75 10.17
C SER B 120 16.57 0.92 9.97
N LYS B 121 17.72 1.56 9.80
CA LYS B 121 19.02 0.86 9.71
C LYS B 121 19.71 0.89 11.08
N TYR B 122 19.33 1.80 11.96
CA TYR B 122 20.08 2.08 13.21
C TYR B 122 19.08 2.17 14.35
N PHE B 123 19.45 1.59 15.49
CA PHE B 123 18.79 1.81 16.79
C PHE B 123 19.62 2.87 17.53
N VAL B 124 18.93 3.81 18.15
CA VAL B 124 19.56 4.82 19.04
C VAL B 124 18.88 4.63 20.37
N LEU B 125 19.66 4.33 21.40
CA LEU B 125 19.16 4.22 22.76
C LEU B 125 19.43 5.58 23.40
N GLN B 126 18.44 6.16 24.06
CA GLN B 126 18.60 7.36 24.91
C GLN B 126 18.33 6.95 26.35
N VAL B 127 19.30 7.18 27.23
CA VAL B 127 19.17 6.96 28.69
C VAL B 127 19.12 8.35 29.34
N HIS B 128 18.17 8.58 30.25
CA HIS B 128 18.04 9.78 31.10
C HIS B 128 18.50 9.41 32.51
N TYR B 129 19.66 9.86 32.94
CA TYR B 129 20.13 9.62 34.34
C TYR B 129 19.43 10.64 35.24
N GLY B 130 19.18 10.29 36.49
CA GLY B 130 18.42 11.13 37.44
C GLY B 130 19.32 11.88 38.40
N ASP B 131 19.21 11.57 39.69
CA ASP B 131 20.04 12.17 40.77
C ASP B 131 21.46 11.60 40.66
N ILE B 132 22.46 12.48 40.66
CA ILE B 132 23.92 12.12 40.66
C ILE B 132 24.26 11.25 41.88
N SER B 133 23.39 11.15 42.88
CA SER B 133 23.73 10.66 44.24
C SER B 133 24.01 9.15 44.23
N ALA B 134 23.58 8.42 43.21
CA ALA B 134 23.92 6.97 43.04
C ALA B 134 25.28 6.81 42.37
N PHE B 135 25.80 7.87 41.75
CA PHE B 135 27.14 7.83 41.09
C PHE B 135 28.14 8.58 41.96
N ARG B 136 28.00 8.58 43.28
CA ARG B 136 29.07 9.24 44.08
C ARG B 136 30.30 8.33 44.10
N ASP B 137 30.15 7.09 43.66
CA ASP B 137 31.24 6.08 43.69
C ASP B 137 32.04 6.05 42.39
N ASN B 138 31.80 6.99 41.48
CA ASN B 138 32.47 7.00 40.17
C ASN B 138 32.29 5.62 39.52
N HIS B 139 31.13 5.01 39.67
CA HIS B 139 30.87 3.72 38.99
C HIS B 139 30.49 3.94 37.53
N LYS B 140 30.68 2.91 36.72
CA LYS B 140 30.36 3.00 35.28
C LYS B 140 29.03 2.26 35.02
N ASP B 141 28.07 2.96 34.40
CA ASP B 141 26.74 2.37 34.10
C ASP B 141 26.69 1.78 32.70
N CYS B 142 26.17 0.58 32.59
CA CYS B 142 25.98 -0.15 31.31
C CYS B 142 24.49 -0.42 31.11
N SER B 143 23.62 0.53 31.47
CA SER B 143 22.15 0.45 31.34
C SER B 143 21.78 0.42 29.86
N GLY B 144 20.67 -0.25 29.53
CA GLY B 144 20.17 -0.30 28.15
C GLY B 144 19.10 -1.34 28.02
N VAL B 145 19.04 -1.98 26.85
CA VAL B 145 17.92 -2.88 26.45
C VAL B 145 18.52 -4.04 25.67
N SER B 146 18.09 -5.25 25.98
CA SER B 146 18.36 -6.43 25.14
C SER B 146 17.17 -6.52 24.20
N VAL B 147 17.46 -6.59 22.90
CA VAL B 147 16.45 -6.60 21.81
C VAL B 147 16.52 -7.95 21.11
N HIS B 148 15.42 -8.69 21.07
CA HIS B 148 15.27 -9.95 20.30
C HIS B 148 14.77 -9.60 18.89
N LEU B 149 15.63 -9.81 17.88
CA LEU B 149 15.33 -9.64 16.43
C LEU B 149 15.04 -11.02 15.80
N THR B 150 14.21 -11.06 14.78
CA THR B 150 13.99 -12.27 13.95
C THR B 150 13.92 -11.85 12.49
N ARG B 151 14.34 -12.73 11.58
CA ARG B 151 14.18 -12.58 10.11
C ARG B 151 12.85 -13.21 9.67
N VAL B 152 12.15 -13.90 10.59
CA VAL B 152 10.85 -14.58 10.34
C VAL B 152 9.71 -13.58 10.33
N PRO B 153 9.05 -13.33 9.18
CA PRO B 153 8.05 -12.27 9.10
C PRO B 153 6.97 -12.52 10.17
N GLN B 154 6.61 -11.54 10.99
CA GLN B 154 5.59 -11.70 12.07
C GLN B 154 4.20 -11.54 11.49
N PRO B 155 3.18 -12.25 12.01
CA PRO B 155 1.83 -12.13 11.43
C PRO B 155 1.21 -10.74 11.65
N LEU B 156 1.59 -10.05 12.74
CA LEU B 156 1.15 -8.67 13.10
C LEU B 156 2.36 -7.72 13.07
N ILE B 157 2.20 -6.50 12.55
CA ILE B 157 3.27 -5.47 12.46
C ILE B 157 2.85 -4.27 13.32
N ALA B 158 3.70 -3.81 14.22
CA ALA B 158 3.35 -2.66 15.08
C ALA B 158 3.69 -1.38 14.31
N GLY B 159 2.97 -0.28 14.60
CA GLY B 159 3.22 1.06 14.07
C GLY B 159 2.84 2.13 15.09
N MET B 160 3.19 3.38 14.80
CA MET B 160 2.81 4.56 15.62
C MET B 160 1.79 5.40 14.84
N TYR B 161 0.74 5.83 15.51
CA TYR B 161 -0.19 6.85 15.00
C TYR B 161 -0.01 8.15 15.80
N LEU B 162 0.57 9.16 15.17
CA LEU B 162 0.88 10.48 15.78
C LEU B 162 -0.28 11.43 15.55
N MET B 163 -0.95 11.86 16.61
CA MET B 163 -1.87 13.03 16.57
C MET B 163 -1.19 14.24 17.21
N MET B 164 -1.03 15.33 16.48
CA MET B 164 -0.46 16.59 16.99
C MET B 164 -1.23 17.80 16.41
N SER B 165 -1.55 18.78 17.25
CA SER B 165 -2.26 20.03 16.85
C SER B 165 -1.23 21.08 16.41
N VAL B 166 -1.49 21.75 15.29
CA VAL B 166 -0.47 22.59 14.59
C VAL B 166 -1.05 23.98 14.26
N ASP B 167 -2.04 24.47 15.02
CA ASP B 167 -2.58 25.85 14.83
C ASP B 167 -3.19 26.35 16.14
N THR B 168 -2.64 25.89 17.26
CA THR B 168 -3.02 26.24 18.66
C THR B 168 -2.45 27.62 19.01
N VAL B 169 -3.25 28.45 19.68
CA VAL B 169 -2.84 29.77 20.26
C VAL B 169 -3.46 29.87 21.66
N ILE B 170 -2.64 30.18 22.66
CA ILE B 170 -3.16 30.20 24.05
C ILE B 170 -3.00 31.62 24.59
N PRO B 171 -4.03 32.49 24.47
CA PRO B 171 -3.97 33.81 25.07
C PRO B 171 -3.80 33.62 26.58
N PRO B 172 -2.98 34.44 27.26
CA PRO B 172 -2.84 34.34 28.71
C PRO B 172 -4.13 34.82 29.38
N GLY B 173 -4.40 34.36 30.60
CA GLY B 173 -5.68 34.68 31.26
C GLY B 173 -6.65 33.52 31.07
N GLU B 174 -7.04 33.24 29.82
CA GLU B 174 -7.92 32.08 29.53
C GLU B 174 -7.45 30.86 30.34
N LYS B 175 -8.34 30.29 31.14
CA LYS B 175 -7.97 29.14 31.99
C LYS B 175 -8.24 27.87 31.19
N VAL B 176 -9.11 27.94 30.19
CA VAL B 176 -9.34 26.75 29.33
C VAL B 176 -9.17 27.11 27.86
N VAL B 177 -8.17 26.53 27.21
CA VAL B 177 -7.92 26.69 25.75
C VAL B 177 -7.71 25.30 25.16
N ASN B 178 -8.60 24.86 24.27
CA ASN B 178 -8.64 23.47 23.75
C ASN B 178 -7.96 23.39 22.39
N ALA B 179 -6.94 22.55 22.28
CA ALA B 179 -6.47 22.02 20.98
C ALA B 179 -7.26 20.75 20.72
N ASP B 180 -8.10 20.75 19.68
CA ASP B 180 -8.87 19.57 19.27
C ASP B 180 -8.26 19.06 17.98
N ILE B 181 -7.91 17.77 17.93
CA ILE B 181 -7.49 17.03 16.70
C ILE B 181 -8.52 15.94 16.41
N SER B 182 -8.93 15.77 15.15
CA SER B 182 -9.78 14.64 14.70
C SER B 182 -9.46 14.26 13.25
N CYS B 183 -9.50 12.96 12.94
CA CYS B 183 -9.33 12.42 11.56
C CYS B 183 -10.22 11.20 11.31
N GLN B 184 -10.56 11.01 10.05
CA GLN B 184 -11.31 9.84 9.57
C GLN B 184 -10.29 8.75 9.24
N TYR B 185 -10.50 7.54 9.75
CA TYR B 185 -9.63 6.37 9.55
C TYR B 185 -10.10 5.68 8.27
N LYS B 186 -9.23 5.64 7.27
CA LYS B 186 -9.53 5.14 5.87
C LYS B 186 -8.92 3.75 5.62
N MET B 187 -8.33 3.08 6.63
CA MET B 187 -7.42 1.91 6.43
C MET B 187 -8.03 0.62 6.94
N TYR B 188 -7.33 -0.48 6.71
CA TYR B 188 -7.61 -1.80 7.34
C TYR B 188 -7.53 -1.67 8.86
N PRO B 189 -8.09 -2.61 9.64
CA PRO B 189 -8.13 -2.49 11.10
C PRO B 189 -6.75 -2.40 11.78
N MET B 190 -6.61 -1.47 12.73
CA MET B 190 -5.44 -1.36 13.65
C MET B 190 -5.92 -1.67 15.07
N HIS B 191 -5.14 -2.42 15.85
CA HIS B 191 -5.47 -2.85 17.22
C HIS B 191 -4.63 -1.93 18.13
N VAL B 192 -5.26 -1.05 18.87
CA VAL B 192 -4.56 -0.01 19.67
C VAL B 192 -4.25 -0.62 21.03
N PHE B 193 -2.96 -0.74 21.35
CA PHE B 193 -2.51 -1.49 22.56
C PHE B 193 -1.74 -0.57 23.49
N ALA B 194 -1.18 0.54 23.04
CA ALA B 194 -0.58 1.51 23.98
C ALA B 194 -0.61 2.93 23.42
N TYR B 195 -0.54 3.94 24.30
CA TYR B 195 -0.48 5.38 23.98
C TYR B 195 0.53 6.10 24.89
N ARG B 196 0.98 7.26 24.41
CA ARG B 196 1.87 8.23 25.09
C ARG B 196 1.38 9.62 24.72
N VAL B 197 1.57 10.61 25.59
CA VAL B 197 1.11 12.01 25.36
C VAL B 197 2.25 12.95 25.79
N HIS B 198 2.29 14.17 25.25
CA HIS B 198 3.37 15.14 25.54
C HIS B 198 2.86 16.56 25.33
N THR B 199 3.03 17.40 26.35
CA THR B 199 2.66 18.83 26.32
C THR B 199 3.51 19.58 27.35
N HIS B 200 4.02 20.75 26.96
CA HIS B 200 4.90 21.60 27.80
C HIS B 200 4.01 22.20 28.90
N HIS B 201 4.62 22.72 29.97
CA HIS B 201 4.08 22.77 31.36
C HIS B 201 2.65 23.33 31.43
N LEU B 202 2.22 24.11 30.44
CA LEU B 202 0.86 24.72 30.37
C LEU B 202 -0.23 23.65 30.43
N GLY B 203 -0.21 22.72 29.48
CA GLY B 203 -1.26 21.69 29.29
C GLY B 203 -1.58 20.97 30.58
N LYS B 204 -2.86 20.67 30.79
CA LYS B 204 -3.41 20.13 32.06
C LYS B 204 -3.74 18.65 31.85
N VAL B 205 -4.36 18.29 30.71
CA VAL B 205 -4.75 16.88 30.42
C VAL B 205 -4.80 16.63 28.90
N VAL B 206 -4.53 15.38 28.52
CA VAL B 206 -4.63 14.87 27.13
C VAL B 206 -5.45 13.60 27.17
N SER B 207 -6.45 13.53 26.29
CA SER B 207 -7.36 12.37 26.12
C SER B 207 -7.56 12.10 24.63
N GLY B 208 -7.61 10.82 24.28
CA GLY B 208 -7.77 10.32 22.91
C GLY B 208 -8.87 9.30 22.88
N TYR B 209 -9.68 9.34 21.82
CA TYR B 209 -10.89 8.51 21.63
C TYR B 209 -10.91 7.96 20.20
N ARG B 210 -11.55 6.82 20.04
CA ARG B 210 -12.14 6.36 18.76
C ARG B 210 -13.63 6.62 18.84
N VAL B 211 -14.23 7.24 17.83
CA VAL B 211 -15.70 7.45 17.72
C VAL B 211 -16.23 6.54 16.61
N ARG B 212 -17.19 5.66 16.95
CA ARG B 212 -17.88 4.72 16.02
C ARG B 212 -19.41 4.91 16.18
N ASN B 213 -20.09 5.25 15.09
CA ASN B 213 -21.51 5.66 15.16
C ASN B 213 -21.73 6.66 16.33
N GLY B 214 -20.90 7.70 16.45
CA GLY B 214 -21.14 8.80 17.38
C GLY B 214 -20.86 8.47 18.85
N GLN B 215 -20.39 7.27 19.13
CA GLN B 215 -20.18 6.77 20.51
C GLN B 215 -18.68 6.81 20.80
N TRP B 216 -18.29 7.52 21.86
CA TRP B 216 -16.87 7.78 22.27
C TRP B 216 -16.31 6.63 23.12
N THR B 217 -15.33 5.90 22.57
CA THR B 217 -14.59 4.80 23.24
C THR B 217 -13.20 5.37 23.57
N LEU B 218 -12.82 5.39 24.85
CA LEU B 218 -11.59 6.02 25.35
C LEU B 218 -10.36 5.17 24.99
N ILE B 219 -9.33 5.79 24.41
CA ILE B 219 -8.05 5.09 24.15
C ILE B 219 -7.15 5.37 25.35
N GLY B 220 -7.02 6.63 25.76
CA GLY B 220 -6.25 7.00 26.97
C GLY B 220 -6.53 8.42 27.39
N ARG B 221 -6.54 8.64 28.70
CA ARG B 221 -6.61 9.96 29.39
C ARG B 221 -5.35 10.04 30.26
N GLN B 222 -4.59 11.13 30.25
CA GLN B 222 -3.31 11.14 31.01
C GLN B 222 -2.88 12.57 31.34
N ASN B 223 -2.13 12.72 32.44
CA ASN B 223 -1.46 13.98 32.86
C ASN B 223 -0.15 14.10 32.08
N PRO B 224 -0.07 15.11 31.18
CA PRO B 224 1.09 15.27 30.30
C PRO B 224 2.33 15.85 30.97
N GLN B 225 2.60 15.44 32.20
CA GLN B 225 3.78 15.97 32.94
C GLN B 225 4.59 14.78 33.47
N LEU B 226 3.93 13.72 33.94
CA LEU B 226 4.66 12.59 34.57
C LEU B 226 5.66 11.97 33.59
N PRO B 227 6.63 11.13 34.04
CA PRO B 227 7.60 10.45 33.17
C PRO B 227 7.09 10.25 31.73
N ALA B 228 7.96 10.43 30.74
CA ALA B 228 7.50 10.38 29.33
C ALA B 228 7.59 8.99 28.73
N ALA B 229 6.72 8.06 29.14
CA ALA B 229 6.76 6.75 28.48
C ALA B 229 5.35 6.29 28.11
N PHE B 230 5.25 5.11 27.51
CA PHE B 230 3.95 4.63 26.99
C PHE B 230 3.18 3.88 28.06
N TYR B 231 1.88 4.15 28.15
CA TYR B 231 0.98 3.41 29.08
C TYR B 231 0.24 2.35 28.28
N PRO B 232 -0.11 1.20 28.88
CA PRO B 232 -0.95 0.22 28.18
C PRO B 232 -2.35 0.83 28.02
N VAL B 233 -3.12 0.35 27.05
CA VAL B 233 -4.54 0.76 26.88
C VAL B 233 -5.37 -0.18 27.76
N GLU B 234 -6.23 0.41 28.59
CA GLU B 234 -7.12 -0.25 29.59
C GLU B 234 -7.93 -1.35 28.89
N HIS B 235 -8.62 -0.96 27.85
CA HIS B 235 -9.43 -1.94 27.10
C HIS B 235 -8.96 -1.85 25.65
N PRO B 236 -7.97 -2.66 25.24
CA PRO B 236 -7.48 -2.66 23.86
C PRO B 236 -8.58 -2.34 22.84
N VAL B 237 -8.34 -1.36 21.98
CA VAL B 237 -9.37 -0.88 21.01
C VAL B 237 -8.96 -1.17 19.57
N ASP B 238 -9.91 -1.58 18.75
CA ASP B 238 -9.66 -1.78 17.30
C ASP B 238 -10.17 -0.54 16.55
N VAL B 239 -9.31 0.09 15.74
CA VAL B 239 -9.80 1.21 14.88
C VAL B 239 -10.07 0.61 13.51
N THR B 240 -11.22 0.94 12.94
CA THR B 240 -11.78 0.29 11.72
C THR B 240 -12.22 1.37 10.73
N PHE B 241 -12.19 1.08 9.41
CA PHE B 241 -12.62 1.98 8.30
C PHE B 241 -13.92 2.69 8.65
N GLY B 242 -13.92 4.02 8.57
CA GLY B 242 -15.10 4.85 8.91
C GLY B 242 -15.04 5.48 10.31
N ASP B 243 -14.24 4.89 11.22
CA ASP B 243 -14.09 5.43 12.59
C ASP B 243 -13.49 6.82 12.55
N ILE B 244 -13.71 7.59 13.61
CA ILE B 244 -12.98 8.88 13.78
C ILE B 244 -12.08 8.80 15.02
N LEU B 245 -10.83 9.24 14.89
CA LEU B 245 -9.86 9.38 16.00
C LEU B 245 -9.92 10.83 16.45
N ALA B 246 -10.21 11.08 17.72
CA ALA B 246 -10.34 12.45 18.26
C ALA B 246 -9.48 12.56 19.52
N ALA B 247 -8.70 13.64 19.61
CA ALA B 247 -7.85 13.96 20.76
C ALA B 247 -8.10 15.43 21.16
N ARG B 248 -8.19 15.68 22.46
CA ARG B 248 -8.23 17.05 23.02
C ARG B 248 -7.10 17.20 24.03
N CYS B 249 -6.19 18.14 23.77
CA CYS B 249 -5.29 18.74 24.79
C CYS B 249 -6.01 19.96 25.38
N VAL B 250 -6.30 19.91 26.68
CA VAL B 250 -6.72 21.09 27.51
C VAL B 250 -5.43 21.84 27.88
N PHE B 251 -5.47 23.18 27.86
CA PHE B 251 -4.33 24.06 28.22
C PHE B 251 -4.79 25.17 29.16
N THR B 252 -3.83 25.89 29.74
CA THR B 252 -4.00 26.80 30.92
C THR B 252 -3.54 28.21 30.53
N GLY B 253 -3.49 29.13 31.51
CA GLY B 253 -2.88 30.46 31.38
C GLY B 253 -2.46 31.03 32.72
N GLU B 254 -1.93 30.18 33.62
CA GLU B 254 -1.43 30.56 34.98
C GLU B 254 -0.19 29.72 35.30
N GLY B 255 0.93 30.37 35.64
CA GLY B 255 2.27 29.77 35.72
C GLY B 255 3.14 30.20 34.54
N GLU B 258 3.10 34.73 27.71
CA GLU B 258 2.20 35.72 27.06
C GLU B 258 1.21 34.96 26.19
N ALA B 259 1.22 35.23 24.89
CA ALA B 259 0.33 34.51 23.94
C ALA B 259 1.13 33.33 23.41
N THR B 260 0.78 32.11 23.85
CA THR B 260 1.63 30.94 23.47
C THR B 260 1.27 30.38 22.10
N HIS B 261 2.22 29.65 21.49
CA HIS B 261 2.00 29.04 20.17
C HIS B 261 2.51 27.60 20.23
N ILE B 262 2.32 26.82 19.17
CA ILE B 262 2.87 25.45 19.13
C ILE B 262 4.30 25.53 18.58
N GLY B 263 5.30 25.49 19.46
CA GLY B 263 6.70 25.55 19.00
C GLY B 263 7.56 24.41 19.56
N GLY B 264 8.86 24.41 19.20
CA GLY B 264 9.78 23.36 19.70
C GLY B 264 10.44 23.79 20.98
N THR B 265 10.55 25.10 21.19
CA THR B 265 11.16 25.62 22.44
C THR B 265 10.24 25.28 23.60
N SER B 266 10.74 24.63 24.65
CA SER B 266 9.88 24.22 25.78
C SER B 266 9.16 25.43 26.37
N SER B 267 9.52 26.64 25.95
CA SER B 267 8.76 27.84 26.40
C SER B 267 7.56 27.94 25.47
N ASP B 268 7.75 27.49 24.24
CA ASP B 268 6.58 27.46 23.31
C ASP B 268 5.69 26.29 23.72
N GLU B 269 4.91 25.80 22.78
CA GLU B 269 3.97 24.74 23.18
C GLU B 269 3.94 23.62 22.14
N MET B 270 3.19 22.58 22.42
CA MET B 270 3.11 21.32 21.62
C MET B 270 1.95 20.51 22.20
N CYS B 271 1.09 19.94 21.36
CA CYS B 271 0.01 19.00 21.76
C CYS B 271 0.08 17.75 20.87
N ASN B 272 0.61 16.67 21.45
CA ASN B 272 0.92 15.37 20.81
C ASN B 272 0.22 14.20 21.51
N LEU B 273 -0.18 13.19 20.74
CA LEU B 273 -0.57 11.86 21.29
C LEU B 273 -0.06 10.77 20.35
N TYR B 274 0.79 9.86 20.84
CA TYR B 274 1.33 8.68 20.11
C TYR B 274 0.53 7.45 20.50
N ILE B 275 -0.21 6.90 19.55
CA ILE B 275 -0.91 5.61 19.73
C ILE B 275 -0.05 4.55 19.05
N MET B 276 0.47 3.61 19.84
CA MET B 276 1.12 2.38 19.32
C MET B 276 0.01 1.40 18.97
N TYR B 277 0.06 0.83 17.77
CA TYR B 277 -0.93 -0.16 17.29
C TYR B 277 -0.20 -1.37 16.71
N TYR B 278 -0.95 -2.40 16.32
CA TYR B 278 -0.52 -3.42 15.33
C TYR B 278 -1.61 -3.65 14.27
N MET B 279 -1.18 -4.16 13.10
CA MET B 279 -2.02 -4.51 11.93
C MET B 279 -1.60 -5.87 11.41
N GLU B 280 -2.48 -6.56 10.66
CA GLU B 280 -2.10 -7.80 9.94
C GLU B 280 -1.03 -7.36 8.96
N ALA B 281 -0.07 -8.24 8.69
CA ALA B 281 1.17 -7.95 7.95
C ALA B 281 0.84 -7.45 6.53
N LYS B 282 -0.15 -8.07 5.88
CA LYS B 282 -0.45 -7.77 4.44
C LYS B 282 -0.90 -6.31 4.34
N TYR B 283 -1.62 -5.83 5.34
CA TYR B 283 -2.27 -4.49 5.36
C TYR B 283 -1.41 -3.42 6.05
N ALA B 284 -0.32 -3.81 6.69
CA ALA B 284 0.32 -3.03 7.77
C ALA B 284 1.00 -1.76 7.23
N LEU B 285 0.75 -0.61 7.82
CA LEU B 285 1.69 0.54 7.70
C LEU B 285 2.22 0.89 9.08
N SER B 286 3.42 1.47 9.11
CA SER B 286 4.28 1.64 10.31
C SER B 286 4.10 3.03 10.96
N PHE B 287 3.54 4.00 10.24
CA PHE B 287 3.40 5.40 10.69
C PHE B 287 2.10 5.90 10.11
N MET B 288 1.28 6.57 10.90
CA MET B 288 0.11 7.34 10.40
C MET B 288 0.12 8.68 11.14
N THR B 289 -0.46 9.74 10.55
CA THR B 289 -0.48 11.06 11.20
C THR B 289 -1.85 11.72 11.05
N CYS B 290 -2.17 12.58 12.01
CA CYS B 290 -3.34 13.47 12.01
C CYS B 290 -2.87 14.78 12.58
N THR B 291 -2.84 15.80 11.72
CA THR B 291 -2.51 17.23 12.01
C THR B 291 -3.83 18.04 12.01
N LYS B 292 -4.83 17.55 11.27
CA LYS B 292 -6.13 18.18 10.92
C LYS B 292 -7.14 18.05 12.06
N ASN B 293 -8.29 18.71 11.89
CA ASN B 293 -9.45 18.64 12.79
C ASN B 293 -10.73 18.63 11.94
N VAL B 294 -11.11 17.47 11.40
CA VAL B 294 -12.08 17.38 10.27
C VAL B 294 -13.51 17.49 10.79
N ALA B 295 -13.78 17.14 12.03
CA ALA B 295 -15.12 17.28 12.65
C ALA B 295 -15.03 18.10 13.93
N PRO B 296 -14.86 19.44 13.86
CA PRO B 296 -14.78 20.27 15.07
C PRO B 296 -16.04 20.20 15.95
N ASP B 297 -17.23 20.04 15.35
CA ASP B 297 -18.52 20.13 16.09
C ASP B 297 -18.78 18.82 16.83
N MET B 298 -18.05 17.77 16.46
CA MET B 298 -18.11 16.44 17.14
C MET B 298 -17.71 16.59 18.61
N PHE B 299 -16.72 17.46 18.88
CA PHE B 299 -16.13 17.76 20.21
C PHE B 299 -17.19 18.31 21.17
N ARG B 300 -18.30 18.85 20.68
CA ARG B 300 -19.38 19.37 21.54
C ARG B 300 -20.00 18.24 22.36
N THR B 301 -19.80 16.97 21.95
CA THR B 301 -20.37 15.77 22.64
C THR B 301 -19.23 14.93 23.24
N ILE B 302 -18.05 15.53 23.46
CA ILE B 302 -16.91 14.81 24.11
C ILE B 302 -17.33 14.47 25.53
N PRO B 303 -16.98 13.26 26.06
CA PRO B 303 -17.14 12.93 27.48
C PRO B 303 -16.59 13.98 28.47
N ALA B 304 -17.12 13.94 29.70
CA ALA B 304 -16.91 14.99 30.73
C ALA B 304 -15.47 14.93 31.22
N GLU B 305 -14.94 13.71 31.35
CA GLU B 305 -13.60 13.39 31.92
C GLU B 305 -12.50 14.10 31.11
N ALA B 306 -12.72 14.35 29.83
CA ALA B 306 -11.73 14.92 28.88
C ALA B 306 -11.34 16.34 29.29
N ASN B 307 -12.13 16.97 30.15
CA ASN B 307 -11.98 18.42 30.46
C ASN B 307 -11.51 18.61 31.91
N ILE B 308 -11.44 17.54 32.71
CA ILE B 308 -11.01 17.60 34.14
C ILE B 308 -9.56 17.12 34.25
N PRO B 309 -8.63 17.95 34.79
CA PRO B 309 -7.31 17.46 35.16
C PRO B 309 -7.35 16.16 35.98
N ILE B 310 -6.31 15.33 35.83
CA ILE B 310 -6.17 14.01 36.50
C ILE B 310 -5.39 14.21 37.81
CU CU C . -11.90 -17.84 -26.55
CU CU D . -9.06 -7.37 -33.78
CU CU E . 15.44 -4.56 -10.98
C1 GOL F . 16.46 5.65 -8.40
O1 GOL F . 17.43 6.64 -8.72
C2 GOL F . 16.30 4.65 -9.53
O2 GOL F . 17.21 3.55 -9.35
C3 GOL F . 14.87 4.13 -9.65
O3 GOL F . 14.68 3.41 -10.87
C1 GOL G . -5.38 -9.55 -13.80
O1 GOL G . -6.10 -8.44 -14.33
C2 GOL G . -4.93 -10.53 -14.88
O2 GOL G . -5.85 -10.54 -15.98
C3 GOL G . -3.53 -10.26 -15.39
O3 GOL G . -2.84 -11.47 -15.67
C1 GOL H . -9.71 1.05 -13.85
O1 GOL H . -8.35 1.47 -13.88
C2 GOL H . -10.57 1.84 -14.82
O2 GOL H . -11.63 1.00 -15.29
C3 GOL H . -11.11 3.14 -14.24
O3 GOL H . -12.12 2.94 -13.24
C1 GOL I . 3.78 9.66 -20.66
O1 GOL I . 4.80 10.44 -21.29
C2 GOL I . 2.89 8.98 -21.68
O2 GOL I . 2.82 9.75 -22.88
C3 GOL I . 3.34 7.58 -22.03
O3 GOL I . 4.31 7.59 -23.07
CU CU J . 13.48 10.51 33.26
CU CU K . 7.41 18.84 23.09
CU CU L . -8.06 -5.02 19.46
C1 GOL M . 9.13 1.28 13.20
O1 GOL M . 8.55 0.23 12.42
C2 GOL M . 10.08 2.14 12.39
O2 GOL M . 11.32 2.31 13.10
C3 GOL M . 10.34 1.63 10.97
O3 GOL M . 11.34 0.61 10.91
C1 GOL N . -5.73 6.99 7.96
O1 GOL N . -6.98 6.56 7.41
C2 GOL N . -5.84 8.37 8.55
O2 GOL N . -5.69 8.31 9.96
C3 GOL N . -4.83 9.36 7.99
O3 GOL N . -5.04 10.68 8.51
#